data_1WHS
#
_entry.id   1WHS
#
_cell.length_a   95.600
_cell.length_b   95.600
_cell.length_c   208.800
_cell.angle_alpha   90.00
_cell.angle_beta   90.00
_cell.angle_gamma   90.00
#
_symmetry.space_group_name_H-M   'P 41 21 2'
#
loop_
_entity.id
_entity.type
_entity.pdbx_description
1 polymer 'SERINE CARBOXYPEPTIDASE II'
2 polymer 'SERINE CARBOXYPEPTIDASE II'
3 branched alpha-L-fucopyranose-(1-3)-[2-acetamido-2-deoxy-beta-D-glucopyranose-(1-4)]2-acetamido-2-deoxy-beta-D-glucopyranose
4 branched 2-acetamido-2-deoxy-beta-D-glucopyranose-(1-4)-2-acetamido-2-deoxy-beta-D-glucopyranose
5 non-polymer 2-acetamido-2-deoxy-beta-D-glucopyranose
6 non-polymer GLYCEROL
7 non-polymer 'ACETIC ACID'
8 water water
#
loop_
_entity_poly.entity_id
_entity_poly.type
_entity_poly.pdbx_seq_one_letter_code
_entity_poly.pdbx_strand_id
1 'polypeptide(L)'
;HAADRIARLPGQPAVDFDMYSGYITVDEGAGRSLFYLLQEAPEDAQPAPLVLWLNGGPGCSSVAYGASEELGAFRVKPRG
AGLVLNEYRWNKVANVLFLDSPAGVGFSYTNTSSDIYTSGDNRTAHDSYAFLAKWFERFPHYKYRDFYIAGESYAGHYVP
ELSQLVHRSKNPVINLKGFMVGNGLIDDYHDYVGTFEFWWNHGIVSDDTYRRLKEACLHDSFIHPSPACDAATDVATAEQ
GNIDMYSLYTPVCNI
;
A
2 'polypeptide(L)'
;SYDPCTERYSTAYYNRRDVQMALHANVTGAMNYTWATCSDTINTHWHDAPRSMLPIYRELIAAGLRIWVFSGDTDAVVPL
TATRYSIGALGLPTTTSWYPWYDDQEVGGWSQVYKGLTLVSVRGAGHEVPLHRPRQALVLFQYFLQGKPMPGQ
;
B
#
# COMPACT_ATOMS: atom_id res chain seq x y z
N HIS A 1 -17.22 -2.69 19.17
CA HIS A 1 -16.00 -1.91 18.85
C HIS A 1 -15.01 -1.83 20.05
N ALA A 2 -15.57 -1.54 21.23
CA ALA A 2 -14.83 -1.46 22.50
C ALA A 2 -14.11 -2.75 22.82
N ALA A 3 -14.66 -3.81 22.25
CA ALA A 3 -14.13 -5.14 22.38
C ALA A 3 -12.87 -5.31 21.52
N ASP A 4 -12.80 -4.44 20.51
CA ASP A 4 -11.70 -4.43 19.59
C ASP A 4 -10.53 -3.66 20.12
N ARG A 5 -10.79 -2.87 21.13
CA ARG A 5 -9.71 -2.10 21.71
C ARG A 5 -8.57 -2.96 22.17
N ILE A 6 -7.36 -2.45 21.95
CA ILE A 6 -6.14 -3.08 22.36
C ILE A 6 -5.64 -2.35 23.59
N ALA A 7 -5.24 -3.07 24.62
CA ALA A 7 -4.73 -2.37 25.78
C ALA A 7 -3.30 -1.94 25.56
N ARG A 8 -2.43 -2.95 25.42
CA ARG A 8 -0.99 -2.79 25.20
C ARG A 8 -0.46 -3.98 24.45
N LEU A 9 0.39 -3.74 23.48
CA LEU A 9 0.92 -4.88 22.80
C LEU A 9 2.16 -5.31 23.50
N PRO A 10 2.51 -6.54 23.27
CA PRO A 10 3.71 -7.04 23.88
C PRO A 10 4.95 -6.21 23.49
N GLY A 11 5.65 -5.76 24.50
CA GLY A 11 6.85 -4.96 24.33
C GLY A 11 6.59 -3.61 23.71
N GLN A 12 5.37 -3.13 23.87
CA GLN A 12 5.02 -1.88 23.26
C GLN A 12 5.07 -0.72 24.17
N PRO A 13 5.93 0.25 23.88
CA PRO A 13 6.03 1.49 24.65
C PRO A 13 4.66 2.12 24.88
N ALA A 14 4.57 2.93 25.90
CA ALA A 14 3.34 3.61 26.26
C ALA A 14 3.11 4.76 25.32
N VAL A 15 1.84 4.91 24.91
CA VAL A 15 1.43 5.93 23.94
C VAL A 15 0.21 6.75 24.36
N ASP A 16 0.03 7.85 23.66
CA ASP A 16 -1.07 8.79 23.83
C ASP A 16 -2.20 8.61 22.82
N PHE A 17 -2.36 7.44 22.24
CA PHE A 17 -3.45 7.30 21.29
C PHE A 17 -3.98 5.88 21.42
N ASP A 18 -5.18 5.63 20.90
CA ASP A 18 -5.72 4.29 21.01
C ASP A 18 -5.52 3.46 19.76
N MET A 19 -5.83 2.18 19.87
CA MET A 19 -5.73 1.23 18.77
C MET A 19 -6.79 0.18 18.93
N TYR A 20 -7.24 -0.41 17.82
CA TYR A 20 -8.20 -1.50 17.83
C TYR A 20 -7.83 -2.47 16.76
N SER A 21 -8.30 -3.70 16.90
CA SER A 21 -8.08 -4.74 15.91
C SER A 21 -9.03 -5.86 16.14
N GLY A 22 -9.47 -6.53 15.06
CA GLY A 22 -10.41 -7.62 15.13
C GLY A 22 -10.91 -7.99 13.73
N TYR A 23 -11.86 -8.94 13.62
CA TYR A 23 -12.33 -9.33 12.30
C TYR A 23 -13.68 -8.74 11.96
N ILE A 24 -13.95 -8.63 10.67
CA ILE A 24 -15.21 -8.19 10.11
C ILE A 24 -15.57 -9.21 9.03
N THR A 25 -16.77 -9.74 9.15
CA THR A 25 -17.20 -10.76 8.24
C THR A 25 -17.75 -10.19 6.99
N VAL A 26 -17.09 -10.54 5.88
CA VAL A 26 -17.44 -9.99 4.60
C VAL A 26 -18.27 -10.90 3.70
N ASP A 27 -18.22 -12.20 4.00
CA ASP A 27 -19.00 -13.20 3.29
C ASP A 27 -19.38 -14.29 4.24
N GLU A 28 -20.63 -14.16 4.71
CA GLU A 28 -21.25 -15.06 5.68
C GLU A 28 -21.31 -16.47 5.13
N GLY A 29 -21.86 -16.56 3.90
CA GLY A 29 -21.97 -17.83 3.23
C GLY A 29 -20.64 -18.59 3.22
N ALA A 30 -19.60 -17.91 2.73
CA ALA A 30 -18.26 -18.46 2.56
C ALA A 30 -17.45 -18.53 3.82
N GLY A 31 -17.77 -17.69 4.75
CA GLY A 31 -16.98 -17.74 5.96
C GLY A 31 -15.70 -16.96 5.78
N ARG A 32 -15.83 -15.82 5.11
CA ARG A 32 -14.71 -14.93 4.86
C ARG A 32 -14.75 -13.76 5.81
N SER A 33 -13.68 -13.63 6.58
CA SER A 33 -13.56 -12.58 7.55
C SER A 33 -12.20 -11.88 7.39
N LEU A 34 -12.21 -10.55 7.51
CA LEU A 34 -11.02 -9.71 7.37
C LEU A 34 -10.56 -9.09 8.67
N PHE A 35 -9.27 -9.21 8.91
CA PHE A 35 -8.68 -8.62 10.09
C PHE A 35 -8.22 -7.19 9.79
N TYR A 36 -8.42 -6.30 10.72
CA TYR A 36 -8.02 -4.92 10.56
C TYR A 36 -7.24 -4.44 11.78
N LEU A 37 -6.58 -3.31 11.59
CA LEU A 37 -5.87 -2.68 12.67
C LEU A 37 -6.05 -1.17 12.54
N LEU A 38 -6.67 -0.57 13.56
CA LEU A 38 -6.91 0.84 13.59
C LEU A 38 -6.04 1.50 14.58
N GLN A 39 -5.21 2.43 14.10
CA GLN A 39 -4.33 3.19 14.97
C GLN A 39 -4.79 4.62 14.85
N GLU A 40 -5.23 5.16 15.98
CA GLU A 40 -5.74 6.49 16.01
C GLU A 40 -4.72 7.56 16.33
N ALA A 41 -5.13 8.76 15.93
CA ALA A 41 -4.40 9.97 16.13
C ALA A 41 -4.67 10.42 17.54
N PRO A 42 -3.70 11.08 18.13
CA PRO A 42 -3.88 11.57 19.46
C PRO A 42 -4.93 12.67 19.49
N GLU A 43 -5.45 12.86 20.67
CA GLU A 43 -6.49 13.82 20.99
C GLU A 43 -6.30 15.18 20.41
N ASP A 44 -5.09 15.68 20.47
CA ASP A 44 -4.85 17.01 19.97
C ASP A 44 -5.07 17.12 18.49
N ALA A 45 -5.02 15.95 17.81
CA ALA A 45 -5.19 15.94 16.37
C ALA A 45 -6.63 15.71 15.94
N GLN A 46 -7.47 15.31 16.90
CA GLN A 46 -8.86 14.98 16.61
C GLN A 46 -9.81 16.17 16.46
N PRO A 47 -10.86 15.99 15.66
CA PRO A 47 -11.14 14.74 14.94
C PRO A 47 -10.40 14.66 13.61
N ALA A 48 -9.54 13.65 13.48
CA ALA A 48 -8.78 13.52 12.26
C ALA A 48 -9.44 12.63 11.23
N PRO A 49 -9.02 12.78 9.99
CA PRO A 49 -9.59 11.97 8.94
C PRO A 49 -9.34 10.52 9.20
N LEU A 50 -10.09 9.76 8.40
CA LEU A 50 -10.03 8.32 8.41
C LEU A 50 -9.32 7.85 7.16
N VAL A 51 -8.19 7.18 7.35
CA VAL A 51 -7.44 6.74 6.21
C VAL A 51 -7.28 5.26 6.16
N LEU A 52 -7.88 4.66 5.11
CA LEU A 52 -7.76 3.23 4.86
C LEU A 52 -6.45 2.93 4.08
N TRP A 53 -5.53 2.18 4.66
CA TRP A 53 -4.24 1.85 4.04
C TRP A 53 -4.15 0.40 3.58
N LEU A 54 -3.74 0.25 2.34
CA LEU A 54 -3.63 -1.04 1.65
C LEU A 54 -2.29 -1.29 0.99
N ASN A 55 -1.76 -2.45 1.34
CA ASN A 55 -0.52 -2.96 0.81
C ASN A 55 -0.86 -3.83 -0.41
N GLY A 56 0.13 -4.27 -1.22
CA GLY A 56 -0.21 -4.98 -2.43
C GLY A 56 0.04 -6.46 -2.39
N GLY A 57 0.85 -6.88 -3.34
CA GLY A 57 1.20 -8.28 -3.46
C GLY A 57 1.01 -8.73 -4.91
N PRO A 58 -0.20 -9.10 -5.29
CA PRO A 58 -1.33 -9.22 -4.39
C PRO A 58 -1.02 -10.38 -3.43
N GLY A 59 -1.57 -10.31 -2.21
CA GLY A 59 -1.33 -11.37 -1.26
C GLY A 59 -0.49 -10.90 -0.12
N CYS A 60 -0.19 -9.59 -0.12
CA CYS A 60 0.59 -9.04 0.99
C CYS A 60 -0.25 -8.27 2.00
N SER A 61 0.17 -8.37 3.27
CA SER A 61 -0.56 -7.79 4.36
C SER A 61 -0.18 -6.39 4.78
N SER A 62 -1.20 -5.53 4.84
CA SER A 62 -1.12 -4.15 5.27
C SER A 62 -0.59 -4.01 6.68
N VAL A 63 -0.82 -5.01 7.51
CA VAL A 63 -0.36 -4.96 8.89
C VAL A 63 1.14 -5.23 8.90
N ALA A 64 1.51 -6.25 8.15
CA ALA A 64 2.92 -6.66 8.04
C ALA A 64 3.83 -5.52 7.61
N TYR A 65 3.44 -4.91 6.50
CA TYR A 65 4.11 -3.80 5.84
C TYR A 65 3.80 -2.43 6.36
N GLY A 66 2.68 -1.94 5.87
CA GLY A 66 2.19 -0.64 6.21
C GLY A 66 2.30 -0.32 7.68
N ALA A 67 1.66 -1.16 8.47
CA ALA A 67 1.61 -0.95 9.89
C ALA A 67 2.92 -1.16 10.60
N SER A 68 3.63 -2.19 10.18
CA SER A 68 4.85 -2.61 10.87
C SER A 68 6.22 -2.17 10.37
N GLU A 69 6.35 -1.79 9.10
CA GLU A 69 7.67 -1.38 8.66
C GLU A 69 7.60 -0.15 7.78
N GLU A 70 6.46 0.51 7.85
CA GLU A 70 6.22 1.66 7.08
C GLU A 70 5.63 2.81 7.89
N LEU A 71 4.36 3.15 7.66
CA LEU A 71 3.75 4.32 8.29
C LEU A 71 3.09 4.12 9.65
N GLY A 72 2.97 2.83 10.09
CA GLY A 72 2.38 2.43 11.36
C GLY A 72 3.09 3.06 12.56
N ALA A 73 2.44 3.05 13.71
CA ALA A 73 3.00 3.64 14.87
C ALA A 73 4.28 2.99 15.38
N PHE A 74 4.48 1.70 15.15
CA PHE A 74 5.68 1.06 15.68
C PHE A 74 6.48 0.22 14.71
N ARG A 75 7.70 -0.08 15.16
CA ARG A 75 8.63 -0.90 14.46
C ARG A 75 9.03 -2.05 15.37
N VAL A 76 9.14 -3.25 14.79
CA VAL A 76 9.49 -4.44 15.55
C VAL A 76 10.98 -4.63 15.76
N LYS A 77 11.33 -4.90 17.00
CA LYS A 77 12.70 -5.21 17.26
C LYS A 77 13.08 -6.54 16.66
N PRO A 78 14.36 -6.66 16.57
CA PRO A 78 14.98 -7.82 16.04
C PRO A 78 14.52 -9.01 16.83
N ARG A 79 14.35 -10.09 16.09
CA ARG A 79 13.87 -11.31 16.67
C ARG A 79 12.41 -11.12 17.14
N GLY A 80 11.71 -10.16 16.55
CA GLY A 80 10.32 -9.91 16.90
C GLY A 80 10.13 -9.77 18.40
N ALA A 81 11.20 -9.35 19.05
CA ALA A 81 11.26 -9.16 20.49
C ALA A 81 10.44 -8.01 21.05
N GLY A 82 10.25 -6.96 20.27
CA GLY A 82 9.51 -5.87 20.83
C GLY A 82 9.16 -4.80 19.84
N LEU A 83 8.77 -3.67 20.41
CA LEU A 83 8.37 -2.54 19.65
C LEU A 83 9.05 -1.27 20.06
N VAL A 84 9.19 -0.46 19.04
CA VAL A 84 9.70 0.88 19.13
C VAL A 84 8.73 1.71 18.36
N LEU A 85 8.64 2.92 18.82
CA LEU A 85 7.79 3.92 18.26
C LEU A 85 8.38 4.48 16.96
N ASN A 86 7.53 4.68 15.98
CA ASN A 86 7.91 5.24 14.72
C ASN A 86 7.63 6.72 14.79
N GLU A 87 8.69 7.42 14.94
CA GLU A 87 8.63 8.83 15.10
C GLU A 87 7.86 9.53 14.00
N TYR A 88 7.78 8.93 12.86
CA TYR A 88 7.08 9.61 11.79
C TYR A 88 5.78 8.98 11.41
N ARG A 89 5.19 8.23 12.33
CA ARG A 89 3.97 7.56 11.98
C ARG A 89 2.90 8.49 11.47
N TRP A 90 2.15 7.94 10.54
CA TRP A 90 1.07 8.69 9.94
C TRP A 90 -0.08 8.96 10.86
N ASN A 91 -0.16 8.15 11.95
CA ASN A 91 -1.20 8.30 12.99
C ASN A 91 -0.89 9.49 13.89
N LYS A 92 0.13 10.22 13.48
CA LYS A 92 0.40 11.42 14.21
C LYS A 92 -0.61 12.43 13.65
N VAL A 93 -1.05 12.12 12.44
CA VAL A 93 -1.90 13.06 11.78
C VAL A 93 -3.28 12.62 11.30
N ALA A 94 -3.56 11.30 11.34
CA ALA A 94 -4.83 10.77 10.86
C ALA A 94 -5.18 9.49 11.55
N ASN A 95 -6.46 9.12 11.44
CA ASN A 95 -6.88 7.84 11.99
C ASN A 95 -6.57 6.81 10.91
N VAL A 96 -5.61 5.92 11.17
CA VAL A 96 -5.17 4.95 10.17
C VAL A 96 -5.69 3.55 10.34
N LEU A 97 -6.38 3.09 9.30
CA LEU A 97 -7.01 1.78 9.27
C LEU A 97 -6.34 0.87 8.27
N PHE A 98 -5.63 -0.13 8.81
CA PHE A 98 -4.87 -1.15 8.10
C PHE A 98 -5.73 -2.35 7.88
N LEU A 99 -5.88 -2.74 6.63
CA LEU A 99 -6.71 -3.86 6.25
C LEU A 99 -5.95 -5.01 5.59
N ASP A 100 -5.99 -6.18 6.23
CA ASP A 100 -5.35 -7.36 5.66
C ASP A 100 -6.27 -7.87 4.57
N SER A 101 -5.87 -7.76 3.35
CA SER A 101 -6.78 -8.21 2.34
C SER A 101 -6.01 -8.79 1.17
N PRO A 102 -6.61 -9.74 0.45
CA PRO A 102 -7.95 -10.26 0.67
C PRO A 102 -7.94 -11.38 1.69
N ALA A 103 -9.11 -12.00 1.88
CA ALA A 103 -9.29 -13.06 2.88
C ALA A 103 -8.19 -14.09 2.71
N GLY A 104 -7.44 -14.36 3.75
CA GLY A 104 -6.35 -15.31 3.56
C GLY A 104 -4.99 -14.62 3.72
N VAL A 105 -5.03 -13.28 3.68
CA VAL A 105 -3.83 -12.52 3.86
C VAL A 105 -3.66 -12.04 5.29
N GLY A 106 -2.50 -12.30 5.83
CA GLY A 106 -2.13 -11.90 7.18
C GLY A 106 -2.83 -12.69 8.26
N PHE A 107 -3.93 -12.10 8.75
CA PHE A 107 -4.80 -12.66 9.78
C PHE A 107 -6.20 -12.82 9.22
N SER A 108 -6.46 -12.22 8.06
CA SER A 108 -7.77 -12.37 7.44
C SER A 108 -7.90 -13.84 7.07
N TYR A 109 -9.13 -14.35 6.95
CA TYR A 109 -9.26 -15.76 6.60
C TYR A 109 -10.53 -16.11 5.85
N THR A 110 -10.48 -17.31 5.26
CA THR A 110 -11.62 -17.82 4.56
C THR A 110 -12.00 -19.19 5.12
N ASN A 111 -13.29 -19.41 5.19
CA ASN A 111 -13.83 -20.65 5.66
C ASN A 111 -13.78 -21.63 4.54
N THR A 112 -13.99 -21.09 3.36
CA THR A 112 -13.94 -21.83 2.12
C THR A 112 -12.53 -21.84 1.57
N SER A 113 -11.84 -22.93 1.79
CA SER A 113 -10.45 -23.03 1.40
C SER A 113 -10.09 -22.78 -0.06
N SER A 114 -11.04 -22.85 -0.97
CA SER A 114 -10.74 -22.61 -2.37
C SER A 114 -10.64 -21.11 -2.64
N ASP A 115 -11.14 -20.32 -1.68
CA ASP A 115 -11.14 -18.86 -1.74
C ASP A 115 -9.77 -18.31 -2.16
N ILE A 116 -8.81 -18.96 -1.55
CA ILE A 116 -7.39 -18.82 -1.65
C ILE A 116 -6.80 -19.08 -3.04
N TYR A 117 -7.59 -19.73 -3.91
CA TYR A 117 -7.09 -20.03 -5.24
C TYR A 117 -7.92 -19.31 -6.26
N THR A 118 -8.87 -18.50 -5.81
CA THR A 118 -9.76 -17.82 -6.74
C THR A 118 -9.77 -16.31 -6.57
N SER A 119 -8.83 -15.81 -5.80
CA SER A 119 -8.82 -14.39 -5.53
C SER A 119 -8.75 -13.54 -6.79
N GLY A 120 -9.20 -12.32 -6.69
CA GLY A 120 -9.19 -11.43 -7.85
C GLY A 120 -9.51 -9.99 -7.44
N ASP A 121 -9.40 -9.11 -8.40
CA ASP A 121 -9.67 -7.71 -8.15
C ASP A 121 -11.11 -7.45 -7.77
N ASN A 122 -12.04 -8.09 -8.47
CA ASN A 122 -13.47 -7.88 -8.19
C ASN A 122 -13.93 -8.27 -6.79
N ARG A 123 -13.66 -9.49 -6.44
CA ARG A 123 -14.04 -9.97 -5.16
C ARG A 123 -13.36 -9.15 -4.08
N THR A 124 -12.07 -8.92 -4.27
CA THR A 124 -11.31 -8.17 -3.31
C THR A 124 -11.94 -6.81 -3.09
N ALA A 125 -12.33 -6.18 -4.19
CA ALA A 125 -12.91 -4.88 -4.08
C ALA A 125 -14.23 -4.98 -3.34
N HIS A 126 -15.04 -5.92 -3.77
CA HIS A 126 -16.34 -6.14 -3.18
C HIS A 126 -16.36 -6.49 -1.71
N ASP A 127 -15.45 -7.38 -1.31
CA ASP A 127 -15.35 -7.75 0.09
C ASP A 127 -14.94 -6.55 0.95
N SER A 128 -14.10 -5.67 0.38
CA SER A 128 -13.58 -4.50 1.07
C SER A 128 -14.65 -3.49 1.35
N TYR A 129 -15.50 -3.38 0.35
CA TYR A 129 -16.64 -2.51 0.44
C TYR A 129 -17.52 -2.96 1.60
N ALA A 130 -17.80 -4.27 1.55
CA ALA A 130 -18.58 -4.89 2.59
C ALA A 130 -17.96 -4.59 3.94
N PHE A 131 -16.68 -4.94 4.07
CA PHE A 131 -15.91 -4.68 5.29
C PHE A 131 -16.15 -3.27 5.78
N LEU A 132 -16.00 -2.32 4.87
CA LEU A 132 -16.22 -0.94 5.20
C LEU A 132 -17.56 -0.68 5.84
N ALA A 133 -18.60 -0.99 5.08
CA ALA A 133 -19.97 -0.82 5.52
C ALA A 133 -20.20 -1.33 6.94
N LYS A 134 -19.76 -2.55 7.17
CA LYS A 134 -19.88 -3.19 8.46
C LYS A 134 -19.04 -2.51 9.54
N TRP A 135 -17.82 -2.14 9.15
CA TRP A 135 -16.86 -1.51 10.03
C TRP A 135 -17.37 -0.21 10.67
N PHE A 136 -17.97 0.58 9.81
CA PHE A 136 -18.62 1.83 10.14
C PHE A 136 -19.81 1.63 11.07
N GLU A 137 -20.48 0.51 10.86
CA GLU A 137 -21.59 0.20 11.69
C GLU A 137 -21.06 -0.08 13.09
N ARG A 138 -19.90 -0.70 13.15
CA ARG A 138 -19.28 -0.99 14.44
C ARG A 138 -18.57 0.22 15.04
N PHE A 139 -18.14 1.17 14.18
CA PHE A 139 -17.49 2.43 14.59
C PHE A 139 -18.29 3.61 14.07
N PRO A 140 -19.53 3.70 14.52
CA PRO A 140 -20.45 4.72 14.07
C PRO A 140 -19.95 6.16 14.30
N HIS A 141 -19.00 6.36 15.26
CA HIS A 141 -18.45 7.71 15.49
C HIS A 141 -17.56 8.14 14.34
N TYR A 142 -17.36 7.21 13.43
CA TYR A 142 -16.60 7.47 12.24
C TYR A 142 -17.48 7.79 11.04
N LYS A 143 -18.77 7.61 11.15
CA LYS A 143 -19.59 7.94 10.01
C LYS A 143 -19.44 9.43 9.65
N TYR A 144 -19.56 9.76 8.36
CA TYR A 144 -19.39 11.17 7.95
C TYR A 144 -17.96 11.76 7.99
N ARG A 145 -17.01 11.07 8.65
CA ARG A 145 -15.64 11.53 8.73
C ARG A 145 -15.06 11.66 7.32
N ASP A 146 -14.12 12.61 7.15
CA ASP A 146 -13.47 12.72 5.86
C ASP A 146 -12.73 11.42 5.64
N PHE A 147 -12.95 10.83 4.50
CA PHE A 147 -12.35 9.56 4.32
C PHE A 147 -11.51 9.47 3.06
N TYR A 148 -10.34 8.86 3.24
CA TYR A 148 -9.37 8.64 2.16
C TYR A 148 -8.89 7.21 2.12
N ILE A 149 -8.63 6.73 0.91
CA ILE A 149 -8.10 5.40 0.66
C ILE A 149 -6.72 5.62 0.08
N ALA A 150 -5.74 4.90 0.61
CA ALA A 150 -4.34 5.01 0.19
C ALA A 150 -3.66 3.64 0.20
N GLY A 151 -2.61 3.47 -0.62
CA GLY A 151 -1.88 2.22 -0.69
C GLY A 151 -0.70 2.29 -1.66
N GLU A 152 0.04 1.16 -1.76
CA GLU A 152 1.20 1.10 -2.63
C GLU A 152 1.25 -0.22 -3.38
N SER A 153 2.10 -0.28 -4.41
CA SER A 153 2.27 -1.50 -5.23
C SER A 153 1.04 -1.98 -5.98
N TYR A 154 0.70 -3.26 -5.76
CA TYR A 154 -0.47 -3.83 -6.39
C TYR A 154 -1.73 -3.08 -5.95
N ALA A 155 -1.56 -2.34 -4.85
CA ALA A 155 -2.67 -1.54 -4.36
C ALA A 155 -2.97 -0.38 -5.31
N GLY A 156 -2.19 -0.30 -6.39
CA GLY A 156 -2.45 0.70 -7.40
C GLY A 156 -3.73 0.23 -8.01
N HIS A 157 -3.97 -1.09 -7.85
CA HIS A 157 -5.21 -1.67 -8.34
C HIS A 157 -6.33 -1.53 -7.32
N TYR A 158 -6.07 -2.08 -6.14
CA TYR A 158 -7.03 -2.07 -5.06
C TYR A 158 -7.67 -0.69 -4.70
N VAL A 159 -6.83 0.33 -4.56
CA VAL A 159 -7.27 1.67 -4.17
C VAL A 159 -8.36 2.30 -5.03
N PRO A 160 -8.07 2.52 -6.30
CA PRO A 160 -9.07 3.12 -7.18
C PRO A 160 -10.24 2.18 -7.43
N GLU A 161 -9.99 0.86 -7.42
CA GLU A 161 -11.08 -0.08 -7.67
C GLU A 161 -12.10 0.06 -6.56
N LEU A 162 -11.59 0.07 -5.34
CA LEU A 162 -12.40 0.22 -4.16
C LEU A 162 -12.98 1.60 -4.11
N SER A 163 -12.13 2.58 -4.43
CA SER A 163 -12.56 3.97 -4.44
C SER A 163 -13.79 4.09 -5.29
N GLN A 164 -13.76 3.39 -6.40
CA GLN A 164 -14.86 3.42 -7.36
C GLN A 164 -16.17 2.83 -6.85
N LEU A 165 -16.13 1.62 -6.27
CA LEU A 165 -17.32 1.05 -5.69
C LEU A 165 -17.93 2.05 -4.72
N VAL A 166 -17.07 2.46 -3.81
CA VAL A 166 -17.45 3.37 -2.79
C VAL A 166 -18.16 4.58 -3.32
N HIS A 167 -17.57 5.17 -4.34
CA HIS A 167 -18.10 6.38 -4.94
C HIS A 167 -19.43 6.13 -5.59
N ARG A 168 -19.44 5.05 -6.31
CA ARG A 168 -20.64 4.71 -6.98
C ARG A 168 -21.71 4.27 -6.03
N SER A 169 -21.25 3.58 -4.97
CA SER A 169 -22.11 3.00 -3.93
C SER A 169 -23.19 3.91 -3.43
N LYS A 170 -22.85 5.19 -3.30
CA LYS A 170 -23.82 6.15 -2.83
C LYS A 170 -24.15 5.96 -1.37
N ASN A 171 -23.14 5.38 -0.72
CA ASN A 171 -23.18 5.19 0.68
C ASN A 171 -22.96 6.57 1.29
N PRO A 172 -23.93 6.92 2.03
CA PRO A 172 -23.96 8.21 2.62
C PRO A 172 -23.17 8.30 3.89
N VAL A 173 -22.68 7.19 4.44
CA VAL A 173 -21.97 7.37 5.69
C VAL A 173 -20.52 7.59 5.56
N ILE A 174 -20.04 7.22 4.38
CA ILE A 174 -18.64 7.30 4.02
C ILE A 174 -18.33 8.60 3.29
N ASN A 175 -17.72 9.58 3.98
CA ASN A 175 -17.39 10.81 3.27
C ASN A 175 -16.06 10.69 2.43
N LEU A 176 -16.03 9.85 1.36
CA LEU A 176 -14.83 9.66 0.49
C LEU A 176 -14.32 10.96 -0.09
N LYS A 177 -13.07 11.33 0.26
CA LYS A 177 -12.57 12.57 -0.26
C LYS A 177 -11.55 12.38 -1.36
N GLY A 178 -10.94 11.21 -1.37
CA GLY A 178 -9.96 10.90 -2.39
C GLY A 178 -9.07 9.74 -2.04
N PHE A 179 -8.15 9.51 -2.95
CA PHE A 179 -7.22 8.43 -2.76
C PHE A 179 -5.78 8.81 -3.14
N MET A 180 -4.84 8.03 -2.65
CA MET A 180 -3.47 8.30 -2.91
C MET A 180 -2.80 7.02 -3.22
N VAL A 181 -2.04 6.99 -4.31
CA VAL A 181 -1.34 5.79 -4.65
C VAL A 181 0.20 5.97 -4.67
N GLY A 182 0.93 5.05 -4.03
CA GLY A 182 2.40 5.09 -3.98
C GLY A 182 3.02 3.92 -4.75
N ASN A 183 3.90 4.23 -5.73
CA ASN A 183 4.58 3.23 -6.61
C ASN A 183 3.63 2.13 -7.03
N GLY A 184 2.57 2.52 -7.73
CA GLY A 184 1.58 1.57 -8.10
C GLY A 184 1.26 1.39 -9.55
N LEU A 185 0.76 0.18 -9.77
CA LEU A 185 0.30 -0.24 -11.03
C LEU A 185 -0.79 0.72 -11.39
N ILE A 186 -0.67 1.32 -12.57
CA ILE A 186 -1.63 2.27 -13.07
C ILE A 186 -2.17 1.87 -14.44
N ASP A 187 -1.25 1.42 -15.29
CA ASP A 187 -1.54 1.03 -16.66
C ASP A 187 -0.43 0.11 -17.09
N ASP A 188 -0.78 -1.12 -17.42
CA ASP A 188 0.19 -2.17 -17.74
C ASP A 188 1.24 -1.84 -18.77
N TYR A 189 0.75 -1.31 -19.86
CA TYR A 189 1.57 -1.00 -20.98
C TYR A 189 2.59 0.09 -20.69
N HIS A 190 2.09 1.20 -20.21
CA HIS A 190 2.89 2.35 -19.87
C HIS A 190 3.87 2.05 -18.78
N ASP A 191 3.38 1.27 -17.83
CA ASP A 191 4.19 0.90 -16.70
C ASP A 191 5.30 0.02 -17.20
N TYR A 192 4.96 -0.91 -18.09
CA TYR A 192 5.96 -1.82 -18.63
C TYR A 192 7.00 -0.98 -19.34
N VAL A 193 6.48 -0.08 -20.14
CA VAL A 193 7.34 0.79 -20.85
C VAL A 193 8.26 1.56 -19.91
N GLY A 194 7.74 2.38 -19.00
CA GLY A 194 8.60 3.13 -18.12
C GLY A 194 9.52 2.24 -17.28
N THR A 195 9.09 1.05 -17.00
CA THR A 195 9.85 0.13 -16.17
C THR A 195 11.18 -0.21 -16.78
N PHE A 196 11.15 -0.66 -18.03
CA PHE A 196 12.38 -0.99 -18.73
C PHE A 196 13.30 0.22 -18.91
N GLU A 197 12.74 1.35 -19.33
CA GLU A 197 13.56 2.53 -19.55
C GLU A 197 14.29 2.88 -18.29
N PHE A 198 13.56 2.78 -17.15
CA PHE A 198 14.10 3.08 -15.84
C PHE A 198 15.26 2.18 -15.51
N TRP A 199 15.08 0.91 -15.81
CA TRP A 199 16.14 -0.06 -15.52
C TRP A 199 17.38 0.22 -16.31
N TRP A 200 17.19 0.44 -17.59
CA TRP A 200 18.31 0.72 -18.44
C TRP A 200 19.00 2.00 -17.96
N ASN A 201 18.22 3.01 -17.58
CA ASN A 201 18.78 4.26 -17.07
C ASN A 201 19.39 4.13 -15.70
N HIS A 202 19.27 2.95 -15.11
CA HIS A 202 19.86 2.66 -13.83
C HIS A 202 20.98 1.64 -13.89
N GLY A 203 21.37 1.23 -15.13
CA GLY A 203 22.47 0.30 -15.38
C GLY A 203 22.24 -1.05 -14.78
N ILE A 204 20.97 -1.43 -14.81
CA ILE A 204 20.60 -2.73 -14.28
C ILE A 204 20.34 -3.84 -15.30
N VAL A 205 20.25 -3.48 -16.58
CA VAL A 205 20.08 -4.46 -17.63
C VAL A 205 20.92 -4.05 -18.82
N SER A 206 21.20 -5.03 -19.67
CA SER A 206 21.98 -4.84 -20.86
C SER A 206 21.13 -4.21 -21.95
N ASP A 207 21.79 -3.80 -23.01
CA ASP A 207 21.08 -3.17 -24.11
C ASP A 207 20.16 -4.19 -24.78
N ASP A 208 20.70 -5.35 -24.90
CA ASP A 208 19.94 -6.37 -25.56
C ASP A 208 18.70 -6.75 -24.76
N THR A 209 18.93 -7.07 -23.48
CA THR A 209 17.87 -7.40 -22.58
C THR A 209 16.83 -6.30 -22.53
N TYR A 210 17.26 -5.04 -22.57
CA TYR A 210 16.33 -3.92 -22.58
C TYR A 210 15.34 -4.03 -23.76
N ARG A 211 15.91 -4.36 -24.88
CA ARG A 211 15.23 -4.55 -26.13
C ARG A 211 14.32 -5.79 -26.08
N ARG A 212 14.86 -6.93 -25.61
CA ARG A 212 14.13 -8.19 -25.44
C ARG A 212 12.84 -8.00 -24.63
N LEU A 213 12.94 -7.23 -23.54
CA LEU A 213 11.81 -6.89 -22.67
C LEU A 213 10.78 -6.07 -23.40
N LYS A 214 11.22 -5.00 -24.03
CA LYS A 214 10.29 -4.17 -24.79
C LYS A 214 9.53 -5.01 -25.82
N GLU A 215 10.16 -6.04 -26.33
CA GLU A 215 9.53 -6.85 -27.37
C GLU A 215 8.66 -7.98 -26.87
N ALA A 216 9.01 -8.49 -25.69
CA ALA A 216 8.31 -9.60 -25.11
C ALA A 216 7.11 -9.22 -24.28
N CYS A 217 7.22 -8.09 -23.58
CA CYS A 217 6.22 -7.72 -22.62
C CYS A 217 5.24 -6.60 -22.90
N LEU A 218 5.46 -5.78 -23.88
CA LEU A 218 4.56 -4.66 -24.00
C LEU A 218 3.06 -4.89 -24.16
N HIS A 219 2.67 -6.11 -24.52
CA HIS A 219 1.27 -6.44 -24.73
C HIS A 219 0.68 -7.24 -23.58
N ASP A 220 1.45 -7.43 -22.54
CA ASP A 220 1.02 -8.20 -21.42
C ASP A 220 0.50 -7.34 -20.29
N SER A 221 0.07 -8.05 -19.26
CA SER A 221 -0.38 -7.48 -18.03
C SER A 221 0.80 -7.67 -17.10
N PHE A 222 0.87 -6.86 -16.03
CA PHE A 222 1.98 -6.98 -15.10
C PHE A 222 1.84 -8.23 -14.26
N ILE A 223 0.62 -8.58 -14.01
CA ILE A 223 0.34 -9.69 -13.16
C ILE A 223 0.37 -11.01 -13.90
N HIS A 224 0.07 -10.95 -15.19
CA HIS A 224 0.00 -12.15 -15.99
C HIS A 224 0.79 -12.09 -17.28
N PRO A 225 2.08 -11.88 -17.14
CA PRO A 225 3.01 -11.79 -18.26
C PRO A 225 2.95 -13.05 -19.11
N SER A 226 3.25 -12.89 -20.41
CA SER A 226 3.30 -14.02 -21.32
C SER A 226 4.58 -14.76 -21.02
N PRO A 227 4.77 -15.92 -21.64
CA PRO A 227 5.98 -16.68 -21.41
C PRO A 227 7.21 -16.03 -22.08
N ALA A 228 6.97 -15.21 -23.12
CA ALA A 228 8.07 -14.48 -23.74
C ALA A 228 8.61 -13.53 -22.66
N CYS A 229 7.65 -12.75 -22.18
CA CYS A 229 7.87 -11.80 -21.15
C CYS A 229 8.64 -12.38 -19.98
N ASP A 230 8.28 -13.55 -19.49
CA ASP A 230 9.04 -14.04 -18.35
C ASP A 230 10.41 -14.49 -18.73
N ALA A 231 10.53 -15.03 -19.93
CA ALA A 231 11.82 -15.48 -20.35
C ALA A 231 12.73 -14.25 -20.32
N ALA A 232 12.21 -13.18 -20.87
CA ALA A 232 12.95 -11.96 -20.87
C ALA A 232 13.30 -11.53 -19.45
N THR A 233 12.32 -11.43 -18.61
CA THR A 233 12.61 -10.97 -17.26
C THR A 233 13.52 -11.92 -16.53
N ASP A 234 13.56 -13.15 -16.93
CA ASP A 234 14.43 -14.09 -16.21
C ASP A 234 15.89 -13.68 -16.42
N VAL A 235 16.15 -13.19 -17.63
CA VAL A 235 17.46 -12.70 -17.97
C VAL A 235 17.78 -11.43 -17.18
N ALA A 236 16.82 -10.52 -17.21
CA ALA A 236 16.99 -9.25 -16.53
C ALA A 236 17.33 -9.46 -15.10
N THR A 237 16.71 -10.47 -14.54
CA THR A 237 16.92 -10.80 -13.15
C THR A 237 18.34 -11.27 -12.97
N ALA A 238 18.83 -12.03 -13.94
CA ALA A 238 20.19 -12.50 -13.86
C ALA A 238 21.17 -11.32 -13.98
N GLU A 239 20.84 -10.40 -14.86
CA GLU A 239 21.65 -9.22 -14.99
C GLU A 239 21.63 -8.34 -13.73
N GLN A 240 20.51 -8.27 -13.04
CA GLN A 240 20.44 -7.40 -11.87
C GLN A 240 21.26 -7.80 -10.68
N GLY A 241 21.50 -9.10 -10.57
CA GLY A 241 22.27 -9.58 -9.45
C GLY A 241 21.59 -9.42 -8.08
N ASN A 242 22.40 -9.64 -7.07
CA ASN A 242 21.97 -9.56 -5.69
C ASN A 242 21.89 -8.17 -5.06
N ILE A 243 20.91 -7.44 -5.54
CA ILE A 243 20.57 -6.12 -5.10
C ILE A 243 19.10 -6.18 -4.64
N ASP A 244 18.63 -5.20 -3.87
CA ASP A 244 17.27 -5.13 -3.46
C ASP A 244 16.51 -4.34 -4.54
N MET A 245 15.74 -5.03 -5.38
CA MET A 245 14.96 -4.40 -6.43
C MET A 245 14.05 -3.29 -5.92
N TYR A 246 13.69 -3.33 -4.64
CA TYR A 246 12.79 -2.30 -4.14
C TYR A 246 13.48 -1.07 -3.58
N SER A 247 14.80 -1.07 -3.54
CA SER A 247 15.61 0.03 -3.04
C SER A 247 17.02 -0.20 -3.60
N LEU A 248 17.25 0.39 -4.75
CA LEU A 248 18.49 0.20 -5.48
C LEU A 248 19.76 0.44 -4.69
N TYR A 249 19.84 1.54 -3.96
CA TYR A 249 21.07 1.91 -3.27
C TYR A 249 21.20 1.48 -1.83
N THR A 250 20.42 0.50 -1.41
CA THR A 250 20.50 0.04 -0.01
C THR A 250 20.75 -1.43 0.02
N PRO A 251 21.31 -1.85 1.13
CA PRO A 251 21.65 -3.23 1.34
C PRO A 251 20.47 -4.15 1.57
N VAL A 252 20.78 -5.37 1.26
CA VAL A 252 19.93 -6.51 1.36
C VAL A 252 20.08 -7.12 2.75
N CYS A 253 19.00 -7.74 3.23
CA CYS A 253 19.04 -8.38 4.54
C CYS A 253 19.85 -9.66 4.52
N ASN A 254 20.87 -9.75 5.37
CA ASN A 254 21.72 -10.94 5.41
C ASN A 254 21.31 -12.02 6.43
N ILE A 255 20.02 -12.34 6.58
CA ILE A 255 19.67 -13.36 7.58
C ILE A 255 18.72 -14.42 7.03
N SER B 1 21.55 2.48 10.78
CA SER B 1 20.18 2.85 11.10
C SER B 1 19.11 2.15 10.25
N TYR B 2 19.31 2.03 8.93
CA TYR B 2 18.35 1.33 8.08
C TYR B 2 18.51 -0.18 8.33
N ASP B 3 17.41 -0.99 8.27
CA ASP B 3 17.56 -2.45 8.47
C ASP B 3 16.76 -3.27 7.49
N PRO B 4 17.45 -3.87 6.54
CA PRO B 4 16.78 -4.64 5.52
C PRO B 4 16.06 -5.88 6.01
N CYS B 5 16.29 -6.30 7.26
CA CYS B 5 15.74 -7.54 7.82
C CYS B 5 14.41 -7.44 8.57
N THR B 6 13.80 -6.29 8.49
CA THR B 6 12.56 -6.01 9.17
C THR B 6 11.52 -7.08 9.03
N GLU B 7 11.40 -7.69 7.87
CA GLU B 7 10.37 -8.68 7.75
C GLU B 7 10.63 -9.87 8.61
N ARG B 8 11.89 -10.09 8.91
CA ARG B 8 12.26 -11.21 9.74
C ARG B 8 11.61 -11.03 11.11
N TYR B 9 11.69 -9.79 11.58
CA TYR B 9 11.21 -9.42 12.88
C TYR B 9 9.70 -9.51 13.04
N SER B 10 9.02 -8.92 12.07
CA SER B 10 7.59 -8.93 12.05
C SER B 10 7.10 -10.35 12.17
N THR B 11 7.53 -11.18 11.22
CA THR B 11 7.17 -12.58 11.18
C THR B 11 7.40 -13.23 12.54
N ALA B 12 8.44 -12.78 13.22
CA ALA B 12 8.66 -13.34 14.53
C ALA B 12 7.55 -12.85 15.44
N TYR B 13 7.51 -11.54 15.57
CA TYR B 13 6.54 -10.90 16.41
C TYR B 13 5.09 -11.33 16.19
N TYR B 14 4.63 -11.44 14.96
CA TYR B 14 3.25 -11.84 14.75
C TYR B 14 2.95 -13.25 15.05
N ASN B 15 3.97 -14.08 15.06
CA ASN B 15 3.73 -15.48 15.37
C ASN B 15 3.58 -15.78 16.87
N ARG B 16 3.95 -14.79 17.71
CA ARG B 16 3.85 -14.85 19.18
C ARG B 16 2.40 -15.02 19.62
N ARG B 17 2.15 -15.93 20.57
CA ARG B 17 0.77 -16.13 21.04
C ARG B 17 0.25 -14.94 21.88
N ASP B 18 1.17 -14.25 22.59
CA ASP B 18 0.80 -13.09 23.37
C ASP B 18 0.39 -11.93 22.50
N VAL B 19 1.09 -11.73 21.37
CA VAL B 19 0.71 -10.63 20.49
C VAL B 19 -0.60 -10.92 19.80
N GLN B 20 -0.78 -12.16 19.35
CA GLN B 20 -2.02 -12.51 18.74
C GLN B 20 -3.15 -12.26 19.70
N MET B 21 -2.86 -12.54 20.95
CA MET B 21 -3.89 -12.35 21.93
C MET B 21 -4.27 -10.91 22.04
N ALA B 22 -3.25 -10.07 22.27
CA ALA B 22 -3.47 -8.65 22.46
C ALA B 22 -4.18 -8.01 21.26
N LEU B 23 -4.07 -8.71 20.14
CA LEU B 23 -4.62 -8.29 18.88
C LEU B 23 -5.97 -8.84 18.66
N HIS B 24 -6.33 -9.82 19.45
CA HIS B 24 -7.62 -10.44 19.28
C HIS B 24 -7.53 -11.29 18.01
N ALA B 25 -6.34 -11.74 17.72
CA ALA B 25 -6.12 -12.53 16.53
C ALA B 25 -6.04 -13.98 16.88
N ASN B 26 -6.56 -14.75 15.95
CA ASN B 26 -6.59 -16.17 16.06
C ASN B 26 -7.09 -16.55 17.46
N VAL B 27 -8.31 -16.03 17.71
CA VAL B 27 -9.00 -16.20 19.00
C VAL B 27 -9.10 -17.66 19.44
N THR B 28 -9.60 -18.50 18.52
CA THR B 28 -9.83 -19.91 18.77
C THR B 28 -8.63 -20.82 18.57
N GLY B 29 -7.45 -20.27 18.20
CA GLY B 29 -6.27 -21.09 17.97
C GLY B 29 -6.43 -21.99 16.73
N ALA B 30 -7.54 -21.74 16.00
CA ALA B 30 -7.96 -22.45 14.80
C ALA B 30 -7.01 -22.32 13.62
N MET B 31 -6.52 -21.10 13.39
CA MET B 31 -5.60 -20.86 12.30
C MET B 31 -4.38 -21.73 12.58
N ASN B 32 -4.36 -22.90 11.93
CA ASN B 32 -3.35 -23.96 12.07
C ASN B 32 -2.24 -23.85 11.05
N TYR B 33 -1.88 -22.61 10.82
CA TYR B 33 -0.85 -22.26 9.90
C TYR B 33 -0.14 -21.04 10.46
N THR B 34 1.13 -20.93 10.16
CA THR B 34 1.89 -19.83 10.65
C THR B 34 1.52 -18.52 9.93
N TRP B 35 1.58 -17.42 10.66
CA TRP B 35 1.34 -16.11 10.09
C TRP B 35 2.52 -15.76 9.16
N ALA B 36 2.25 -15.26 7.95
CA ALA B 36 3.32 -14.85 7.05
C ALA B 36 3.02 -13.43 6.57
N THR B 37 4.03 -12.69 6.06
CA THR B 37 3.78 -11.32 5.58
C THR B 37 2.91 -11.25 4.32
N CYS B 38 3.00 -12.33 3.52
CA CYS B 38 2.23 -12.48 2.29
C CYS B 38 1.78 -13.92 2.14
N SER B 39 0.77 -14.15 1.31
CA SER B 39 0.35 -15.50 0.99
C SER B 39 0.85 -15.85 -0.39
N ASP B 40 1.78 -16.79 -0.48
CA ASP B 40 2.25 -17.11 -1.81
C ASP B 40 1.20 -17.71 -2.71
N THR B 41 0.26 -18.44 -2.09
CA THR B 41 -0.84 -19.04 -2.84
C THR B 41 -1.68 -17.99 -3.51
N ILE B 42 -2.15 -17.04 -2.73
CA ILE B 42 -2.97 -16.00 -3.33
C ILE B 42 -2.17 -15.28 -4.41
N ASN B 43 -0.95 -15.03 -4.00
CA ASN B 43 -0.06 -14.34 -4.83
C ASN B 43 0.08 -14.98 -6.19
N THR B 44 0.11 -16.31 -6.20
CA THR B 44 0.29 -17.14 -7.39
C THR B 44 -0.97 -17.69 -8.05
N HIS B 45 -2.10 -17.43 -7.41
CA HIS B 45 -3.38 -17.88 -7.88
C HIS B 45 -4.31 -16.72 -8.15
N TRP B 46 -3.73 -15.68 -8.72
CA TRP B 46 -4.47 -14.49 -8.95
C TRP B 46 -5.28 -14.51 -10.21
N HIS B 47 -6.52 -14.02 -10.10
CA HIS B 47 -7.43 -14.01 -11.23
C HIS B 47 -7.55 -12.71 -11.96
N ASP B 48 -8.79 -12.16 -12.07
CA ASP B 48 -9.02 -10.90 -12.79
C ASP B 48 -8.16 -9.72 -12.29
N ALA B 49 -7.72 -8.90 -13.26
CA ALA B 49 -6.83 -7.77 -13.05
C ALA B 49 -6.71 -6.87 -14.26
N PRO B 50 -7.71 -6.01 -14.53
CA PRO B 50 -7.72 -5.08 -15.67
C PRO B 50 -6.34 -4.50 -15.98
N ARG B 51 -6.11 -4.16 -17.25
CA ARG B 51 -4.82 -3.64 -17.60
C ARG B 51 -4.68 -2.20 -17.15
N SER B 52 -5.76 -1.45 -17.23
CA SER B 52 -5.65 -0.06 -16.86
C SER B 52 -6.65 0.43 -15.84
N MET B 53 -6.15 1.34 -15.02
CA MET B 53 -6.89 2.02 -13.98
C MET B 53 -7.28 3.40 -14.46
N LEU B 54 -6.69 3.78 -15.59
CA LEU B 54 -6.90 5.13 -16.17
C LEU B 54 -8.36 5.62 -16.19
N PRO B 55 -9.25 4.74 -16.52
CA PRO B 55 -10.65 5.06 -16.63
C PRO B 55 -11.30 5.38 -15.30
N ILE B 56 -10.90 4.64 -14.28
CA ILE B 56 -11.40 4.92 -12.93
C ILE B 56 -10.91 6.29 -12.56
N TYR B 57 -9.67 6.53 -12.97
CA TYR B 57 -9.07 7.81 -12.71
C TYR B 57 -9.86 8.91 -13.38
N ARG B 58 -10.18 8.68 -14.65
CA ARG B 58 -10.89 9.71 -15.37
C ARG B 58 -12.21 9.99 -14.66
N GLU B 59 -12.85 8.91 -14.24
CA GLU B 59 -14.12 8.95 -13.55
C GLU B 59 -14.07 9.79 -12.31
N LEU B 60 -13.22 9.33 -11.39
CA LEU B 60 -13.09 9.98 -10.13
C LEU B 60 -12.56 11.40 -10.26
N ILE B 61 -11.78 11.60 -11.31
CA ILE B 61 -11.27 12.92 -11.52
C ILE B 61 -12.42 13.84 -11.84
N ALA B 62 -13.34 13.31 -12.65
CA ALA B 62 -14.55 14.05 -13.05
C ALA B 62 -15.52 14.23 -11.87
N ALA B 63 -15.57 13.19 -11.06
CA ALA B 63 -16.37 13.16 -9.87
C ALA B 63 -15.86 14.18 -8.89
N GLY B 64 -14.69 14.73 -9.17
CA GLY B 64 -14.09 15.75 -8.32
C GLY B 64 -13.29 15.25 -7.08
N LEU B 65 -12.94 13.98 -7.04
CA LEU B 65 -12.16 13.51 -5.91
C LEU B 65 -10.71 14.03 -5.88
N ARG B 66 -10.12 14.06 -4.69
CA ARG B 66 -8.74 14.44 -4.58
C ARG B 66 -7.89 13.21 -4.92
N ILE B 67 -6.97 13.37 -5.90
CA ILE B 67 -6.11 12.28 -6.33
C ILE B 67 -4.60 12.59 -6.36
N TRP B 68 -3.84 11.89 -5.58
CA TRP B 68 -2.43 12.03 -5.52
C TRP B 68 -1.83 10.68 -5.81
N VAL B 69 -0.75 10.75 -6.57
CA VAL B 69 0.07 9.61 -6.94
C VAL B 69 1.51 9.92 -6.56
N PHE B 70 2.18 9.02 -5.89
CA PHE B 70 3.53 9.28 -5.51
C PHE B 70 4.52 8.17 -5.91
N SER B 71 5.80 8.51 -5.88
CA SER B 71 6.78 7.56 -6.28
C SER B 71 8.17 7.73 -5.65
N GLY B 72 8.65 6.69 -4.97
CA GLY B 72 9.99 6.67 -4.39
C GLY B 72 10.91 6.42 -5.58
N ASP B 73 11.79 7.38 -5.85
CA ASP B 73 12.68 7.39 -7.01
C ASP B 73 13.82 6.40 -7.18
N THR B 74 14.14 5.63 -6.13
CA THR B 74 15.17 4.61 -6.24
C THR B 74 14.59 3.20 -6.17
N ASP B 75 13.29 3.08 -6.50
CA ASP B 75 12.62 1.80 -6.53
C ASP B 75 12.75 1.28 -7.92
N ALA B 76 12.96 -0.01 -8.06
CA ALA B 76 13.07 -0.54 -9.40
C ALA B 76 11.89 -1.45 -9.75
N VAL B 77 11.10 -1.82 -8.74
CA VAL B 77 9.99 -2.71 -8.98
C VAL B 77 8.83 -2.11 -9.78
N VAL B 78 8.33 -0.96 -9.34
CA VAL B 78 7.30 -0.20 -10.03
C VAL B 78 7.84 1.22 -10.06
N PRO B 79 8.80 1.48 -10.96
CA PRO B 79 9.47 2.74 -10.91
C PRO B 79 8.79 4.01 -11.44
N LEU B 80 9.38 5.11 -10.96
CA LEU B 80 9.03 6.47 -11.31
C LEU B 80 8.66 6.66 -12.79
N THR B 81 9.49 6.19 -13.70
CA THR B 81 9.21 6.37 -15.13
C THR B 81 7.92 5.70 -15.58
N ALA B 82 7.62 4.58 -14.93
CA ALA B 82 6.43 3.85 -15.17
C ALA B 82 5.26 4.81 -14.88
N THR B 83 5.27 5.37 -13.67
CA THR B 83 4.24 6.31 -13.22
C THR B 83 4.12 7.54 -14.09
N ARG B 84 5.26 8.05 -14.51
CA ARG B 84 5.33 9.24 -15.35
C ARG B 84 4.62 9.03 -16.65
N TYR B 85 4.96 7.91 -17.30
CA TYR B 85 4.31 7.58 -18.55
C TYR B 85 2.77 7.31 -18.36
N SER B 86 2.41 6.58 -17.30
CA SER B 86 1.03 6.26 -17.03
C SER B 86 0.14 7.49 -16.82
N ILE B 87 0.55 8.35 -15.93
CA ILE B 87 -0.20 9.55 -15.67
C ILE B 87 -0.26 10.41 -16.89
N GLY B 88 0.87 10.43 -17.60
CA GLY B 88 0.94 11.22 -18.81
C GLY B 88 -0.13 10.78 -19.83
N ALA B 89 -0.47 9.52 -19.76
CA ALA B 89 -1.48 9.00 -20.64
C ALA B 89 -2.87 9.58 -20.35
N LEU B 90 -3.03 10.19 -19.19
CA LEU B 90 -4.29 10.76 -18.85
C LEU B 90 -4.45 12.04 -19.65
N GLY B 91 -3.34 12.52 -20.15
CA GLY B 91 -3.37 13.75 -20.89
C GLY B 91 -3.87 14.93 -20.05
N LEU B 92 -3.68 14.95 -18.75
CA LEU B 92 -4.21 16.14 -18.08
C LEU B 92 -3.31 17.32 -18.33
N PRO B 93 -3.88 18.49 -18.13
CA PRO B 93 -3.18 19.74 -18.22
C PRO B 93 -2.50 20.05 -16.92
N THR B 94 -1.41 20.79 -17.07
CA THR B 94 -0.57 21.19 -15.99
C THR B 94 -0.98 22.50 -15.37
N THR B 95 -0.95 22.49 -14.08
CA THR B 95 -1.27 23.65 -13.31
C THR B 95 0.01 24.19 -12.72
N THR B 96 0.98 23.28 -12.47
CA THR B 96 2.29 23.61 -11.97
C THR B 96 3.27 22.61 -12.46
N SER B 97 4.19 23.10 -13.25
CA SER B 97 5.17 22.23 -13.84
C SER B 97 6.07 21.70 -12.74
N TRP B 98 6.74 20.62 -13.07
CA TRP B 98 7.69 19.92 -12.25
C TRP B 98 8.54 20.89 -11.43
N TYR B 99 8.51 20.81 -10.11
CA TYR B 99 9.34 21.70 -9.30
C TYR B 99 9.85 20.95 -8.11
N PRO B 100 10.97 21.40 -7.53
CA PRO B 100 11.53 20.71 -6.38
C PRO B 100 10.79 21.10 -5.15
N TRP B 101 10.51 20.11 -4.29
CA TRP B 101 9.82 20.38 -3.05
C TRP B 101 10.81 20.23 -1.91
N TYR B 102 10.60 21.01 -0.84
CA TYR B 102 11.55 21.01 0.27
C TYR B 102 11.04 20.66 1.64
N ASP B 103 11.94 20.06 2.36
CA ASP B 103 11.74 19.73 3.73
C ASP B 103 12.86 20.39 4.45
N ASP B 104 12.47 21.54 4.95
CA ASP B 104 13.37 22.42 5.65
C ASP B 104 14.22 23.07 4.56
N GLN B 105 15.45 22.58 4.43
CA GLN B 105 16.31 23.12 3.42
C GLN B 105 16.65 22.14 2.31
N GLU B 106 16.20 20.88 2.45
CA GLU B 106 16.51 19.93 1.42
C GLU B 106 15.40 19.71 0.46
N VAL B 107 15.82 19.21 -0.71
CA VAL B 107 14.91 18.82 -1.73
C VAL B 107 14.42 17.46 -1.29
N GLY B 108 13.11 17.36 -1.05
CA GLY B 108 12.50 16.11 -0.60
C GLY B 108 12.19 15.20 -1.77
N GLY B 109 12.07 15.84 -2.93
CA GLY B 109 11.76 15.17 -4.17
C GLY B 109 11.15 16.25 -5.04
N TRP B 110 10.41 15.84 -6.09
CA TRP B 110 9.79 16.79 -7.03
C TRP B 110 8.28 16.67 -7.12
N SER B 111 7.64 17.64 -7.77
CA SER B 111 6.20 17.56 -7.92
C SER B 111 5.62 18.36 -9.08
N GLN B 112 4.55 17.82 -9.60
CA GLN B 112 3.87 18.47 -10.68
C GLN B 112 2.37 18.43 -10.42
N VAL B 113 1.71 19.56 -10.59
CA VAL B 113 0.29 19.66 -10.38
C VAL B 113 -0.47 19.76 -11.67
N TYR B 114 -1.38 18.83 -11.88
CA TYR B 114 -2.20 18.86 -13.06
C TYR B 114 -3.58 19.28 -12.69
N LYS B 115 -4.41 19.43 -13.71
CA LYS B 115 -5.78 19.75 -13.44
C LYS B 115 -6.47 18.46 -13.06
N GLY B 116 -6.61 18.24 -11.74
CA GLY B 116 -7.28 17.06 -11.19
C GLY B 116 -6.41 15.95 -10.54
N LEU B 117 -5.11 16.19 -10.44
CA LEU B 117 -4.20 15.20 -9.91
C LEU B 117 -2.90 15.86 -9.54
N THR B 118 -2.27 15.36 -8.50
CA THR B 118 -0.98 15.84 -8.07
C THR B 118 -0.04 14.69 -8.07
N LEU B 119 1.10 14.89 -8.68
CA LEU B 119 2.12 13.87 -8.77
C LEU B 119 3.32 14.32 -7.97
N VAL B 120 3.82 13.42 -7.14
CA VAL B 120 4.92 13.70 -6.24
C VAL B 120 5.97 12.60 -6.21
N SER B 121 7.27 12.97 -6.35
CA SER B 121 8.37 12.01 -6.24
C SER B 121 9.06 12.27 -4.93
N VAL B 122 9.61 11.21 -4.33
CA VAL B 122 10.32 11.29 -3.07
C VAL B 122 11.76 10.88 -3.28
N ARG B 123 12.58 11.89 -3.35
CA ARG B 123 13.98 11.74 -3.61
C ARG B 123 14.70 10.76 -2.68
N GLY B 124 15.24 9.71 -3.26
CA GLY B 124 16.03 8.73 -2.54
C GLY B 124 15.30 7.58 -1.89
N ALA B 125 13.96 7.54 -2.04
CA ALA B 125 13.18 6.48 -1.44
C ALA B 125 12.94 5.26 -2.35
N GLY B 126 13.00 4.08 -1.74
CA GLY B 126 12.71 2.82 -2.43
C GLY B 126 11.20 2.68 -2.54
N HIS B 127 10.72 1.48 -2.80
CA HIS B 127 9.31 1.15 -2.96
C HIS B 127 8.40 1.49 -1.74
N GLU B 128 8.94 1.22 -0.58
CA GLU B 128 8.24 1.48 0.65
C GLU B 128 8.69 2.82 1.13
N VAL B 129 8.00 3.83 0.65
CA VAL B 129 8.39 5.17 0.98
C VAL B 129 8.53 5.46 2.46
N PRO B 130 7.49 5.09 3.25
CA PRO B 130 7.55 5.43 4.66
C PRO B 130 8.60 4.70 5.46
N LEU B 131 9.26 3.74 4.78
CA LEU B 131 10.36 3.00 5.35
C LEU B 131 11.70 3.65 4.97
N HIS B 132 11.85 4.11 3.74
CA HIS B 132 13.13 4.68 3.40
C HIS B 132 13.23 6.15 3.59
N ARG B 133 12.11 6.86 3.50
CA ARG B 133 12.12 8.30 3.65
C ARG B 133 10.99 8.75 4.53
N PRO B 134 11.05 8.23 5.73
CA PRO B 134 10.08 8.45 6.77
C PRO B 134 9.74 9.92 7.01
N ARG B 135 10.75 10.77 7.16
CA ARG B 135 10.44 12.18 7.42
C ARG B 135 9.68 12.84 6.27
N GLN B 136 10.14 12.55 5.05
CA GLN B 136 9.55 13.14 3.88
C GLN B 136 8.20 12.55 3.50
N ALA B 137 8.04 11.25 3.79
CA ALA B 137 6.79 10.55 3.55
C ALA B 137 5.69 11.16 4.42
N LEU B 138 6.08 11.55 5.61
CA LEU B 138 5.10 12.19 6.49
C LEU B 138 4.63 13.56 5.97
N VAL B 139 5.56 14.29 5.38
CA VAL B 139 5.25 15.58 4.81
C VAL B 139 4.27 15.43 3.68
N LEU B 140 4.57 14.44 2.84
CA LEU B 140 3.72 14.09 1.72
C LEU B 140 2.27 13.86 2.18
N PHE B 141 2.12 12.95 3.19
CA PHE B 141 0.82 12.67 3.74
C PHE B 141 0.11 13.92 4.24
N GLN B 142 0.81 14.78 4.99
CA GLN B 142 0.14 15.98 5.44
C GLN B 142 -0.35 16.88 4.34
N TYR B 143 0.44 17.08 3.33
CA TYR B 143 -0.04 17.99 2.30
C TYR B 143 -1.21 17.41 1.55
N PHE B 144 -1.17 16.10 1.35
CA PHE B 144 -2.25 15.42 0.68
C PHE B 144 -3.53 15.64 1.48
N LEU B 145 -3.46 15.34 2.78
CA LEU B 145 -4.59 15.53 3.65
C LEU B 145 -5.09 16.97 3.63
N GLN B 146 -4.18 17.94 3.55
CA GLN B 146 -4.71 19.27 3.52
C GLN B 146 -5.11 19.62 2.09
N GLY B 147 -4.82 18.75 1.12
CA GLY B 147 -5.13 19.09 -0.25
C GLY B 147 -4.29 20.32 -0.68
N LYS B 148 -3.04 20.35 -0.21
CA LYS B 148 -2.08 21.42 -0.47
C LYS B 148 -0.82 20.91 -1.15
N PRO B 149 -0.40 21.65 -2.21
CA PRO B 149 0.77 21.33 -3.00
C PRO B 149 1.99 21.25 -2.18
N MET B 150 2.84 20.31 -2.56
CA MET B 150 4.07 20.17 -1.83
C MET B 150 4.79 21.51 -1.88
N PRO B 151 5.43 21.80 -0.79
CA PRO B 151 6.10 23.07 -0.56
C PRO B 151 7.44 23.32 -1.27
N GLY B 152 7.65 24.56 -1.79
CA GLY B 152 8.92 25.07 -2.36
C GLY B 152 9.72 25.66 -1.16
N GLN B 153 10.88 26.36 -1.35
CA GLN B 153 11.66 26.96 -0.21
C GLN B 153 11.57 26.29 1.19
#